data_1VTV
# 
_entry.id   1VTV 
# 
_audit_conform.dict_name       mmcif_pdbx.dic 
_audit_conform.dict_version    5.383 
_audit_conform.dict_location   http://mmcif.pdb.org/dictionaries/ascii/mmcif_pdbx.dic 
# 
loop_
_database_2.database_id 
_database_2.database_code 
_database_2.pdbx_database_accession 
_database_2.pdbx_DOI 
PDB   1VTV         pdb_00001vtv 10.2210/pdb1vtv/pdb 
NDB   ZDFB03       ?            ?                   
RCSB  RCSB003052   ?            ?                   
WWPDB D_1000003052 ?            ?                   
# 
loop_
_pdbx_audit_revision_history.ordinal 
_pdbx_audit_revision_history.data_content_type 
_pdbx_audit_revision_history.major_revision 
_pdbx_audit_revision_history.minor_revision 
_pdbx_audit_revision_history.revision_date 
1 'Structure model' 1 0 2011-07-13 
2 'Structure model' 1 1 2023-12-27 
# 
_pdbx_audit_revision_details.ordinal             1 
_pdbx_audit_revision_details.revision_ordinal    1 
_pdbx_audit_revision_details.data_content_type   'Structure model' 
_pdbx_audit_revision_details.provider            repository 
_pdbx_audit_revision_details.type                'Initial release' 
_pdbx_audit_revision_details.description         ? 
_pdbx_audit_revision_details.details             ? 
# 
loop_
_pdbx_audit_revision_group.ordinal 
_pdbx_audit_revision_group.revision_ordinal 
_pdbx_audit_revision_group.data_content_type 
_pdbx_audit_revision_group.group 
1 2 'Structure model' 'Data collection'      
2 2 'Structure model' 'Database references'  
3 2 'Structure model' 'Derived calculations' 
# 
loop_
_pdbx_audit_revision_category.ordinal 
_pdbx_audit_revision_category.revision_ordinal 
_pdbx_audit_revision_category.data_content_type 
_pdbx_audit_revision_category.category 
1 2 'Structure model' chem_comp_atom 
2 2 'Structure model' chem_comp_bond 
3 2 'Structure model' database_2     
4 2 'Structure model' struct_conn    
# 
loop_
_pdbx_audit_revision_item.ordinal 
_pdbx_audit_revision_item.revision_ordinal 
_pdbx_audit_revision_item.data_content_type 
_pdbx_audit_revision_item.item 
1 2 'Structure model' '_database_2.pdbx_DOI'                
2 2 'Structure model' '_database_2.pdbx_database_accession' 
3 2 'Structure model' '_struct_conn.pdbx_leaving_atom_flag' 
# 
_pdbx_database_status.status_code                     REL 
_pdbx_database_status.entry_id                        1VTV 
_pdbx_database_status.recvd_initial_deposition_date   1989-01-10 
_pdbx_database_status.deposit_site                    RCSB 
_pdbx_database_status.process_site                    RCSB 
_pdbx_database_status.SG_entry                        ? 
_pdbx_database_status.status_code_sf                  ? 
_pdbx_database_status.status_code_mr                  ? 
_pdbx_database_status.status_code_cs                  ? 
_pdbx_database_status.pdb_format_compatible           Y 
_pdbx_database_status.status_code_nmr_data            ? 
_pdbx_database_status.methods_development_category    ? 
# 
loop_
_audit_author.name 
_audit_author.pdbx_ordinal 
'Fujii, S.'           1 
'Wang, A.H.-J.'       2 
'Van Der Marel, G.A.' 3 
'Van Boom, J.H.'      4 
'Rich, A.'            5 
# 
_citation.id                        primary 
_citation.title                     
'Molecular Structure of (m5dC-dG)3: The Role of the Methyl Group on 5-Methyl Cytosine in Stabilizing Z-DNA' 
_citation.journal_abbrev            'Nucleic Acids Res.' 
_citation.journal_volume            10 
_citation.page_first                7879 
_citation.page_last                 7892 
_citation.year                      1982 
_citation.journal_id_ASTM           NARHAD 
_citation.country                   UK 
_citation.journal_id_ISSN           0305-1048 
_citation.journal_id_CSD            0389 
_citation.book_publisher            ? 
_citation.pdbx_database_id_PubMed   7155900 
_citation.pdbx_database_id_DOI      ? 
# 
loop_
_citation_author.citation_id 
_citation_author.name 
_citation_author.ordinal 
_citation_author.identifier_ORCID 
primary 'Fujii, S.'           1 ? 
primary 'Wang, A.H.-J.'       2 ? 
primary 'Van Der Marel, G.A.' 3 ? 
primary 'Van Boom, J.H.'      4 ? 
primary 'Rich, A.'            5 ? 
# 
_entity.id                         1 
_entity.type                       polymer 
_entity.src_method                 syn 
_entity.pdbx_description           
;DNA (5'-D(*(CH3)CP*GP*(CH3)CP*GP*(CH3)CP*G)-3')
;
_entity.formula_weight             1852.286 
_entity.pdbx_number_of_molecules   2 
_entity.pdbx_ec                    ? 
_entity.pdbx_mutation              ? 
_entity.pdbx_fragment              ? 
_entity.details                    ? 
# 
_entity_poly.entity_id                      1 
_entity_poly.type                           polydeoxyribonucleotide 
_entity_poly.nstd_linkage                   no 
_entity_poly.nstd_monomer                   yes 
_entity_poly.pdbx_seq_one_letter_code       '(5CM)(DG)(5CM)(DG)(5CM)(DG)' 
_entity_poly.pdbx_seq_one_letter_code_can   CGCGCG 
_entity_poly.pdbx_strand_id                 A,B 
_entity_poly.pdbx_target_identifier         ? 
# 
loop_
_entity_poly_seq.entity_id 
_entity_poly_seq.num 
_entity_poly_seq.mon_id 
_entity_poly_seq.hetero 
1 1 5CM n 
1 2 DG  n 
1 3 5CM n 
1 4 DG  n 
1 5 5CM n 
1 6 DG  n 
# 
loop_
_chem_comp.id 
_chem_comp.type 
_chem_comp.mon_nstd_flag 
_chem_comp.name 
_chem_comp.pdbx_synonyms 
_chem_comp.formula 
_chem_comp.formula_weight 
5CM 'DNA linking' n "5-METHYL-2'-DEOXY-CYTIDINE-5'-MONOPHOSPHATE" ? 'C10 H16 N3 O7 P' 321.224 
DG  'DNA linking' y "2'-DEOXYGUANOSINE-5'-MONOPHOSPHATE"          ? 'C10 H14 N5 O7 P' 347.221 
# 
loop_
_pdbx_poly_seq_scheme.asym_id 
_pdbx_poly_seq_scheme.entity_id 
_pdbx_poly_seq_scheme.seq_id 
_pdbx_poly_seq_scheme.mon_id 
_pdbx_poly_seq_scheme.ndb_seq_num 
_pdbx_poly_seq_scheme.pdb_seq_num 
_pdbx_poly_seq_scheme.auth_seq_num 
_pdbx_poly_seq_scheme.pdb_mon_id 
_pdbx_poly_seq_scheme.auth_mon_id 
_pdbx_poly_seq_scheme.pdb_strand_id 
_pdbx_poly_seq_scheme.pdb_ins_code 
_pdbx_poly_seq_scheme.hetero 
A 1 1 5CM 1 1  1  5CM 5CM A . n 
A 1 2 DG  2 2  2  DG  DG  A . n 
A 1 3 5CM 3 3  3  5CM 5CM A . n 
A 1 4 DG  4 4  4  DG  DG  A . n 
A 1 5 5CM 5 5  5  5CM 5CM A . n 
A 1 6 DG  6 6  6  DG  DG  A . n 
B 1 1 5CM 1 7  7  5CM 5CM B . n 
B 1 2 DG  2 8  8  DG  DG  B . n 
B 1 3 5CM 3 9  9  5CM 5CM B . n 
B 1 4 DG  4 10 10 DG  DG  B . n 
B 1 5 5CM 5 11 11 5CM 5CM B . n 
B 1 6 DG  6 12 12 DG  DG  B . n 
# 
_software.name             NUCLSQ 
_software.classification   refinement 
_software.version          . 
_software.citation_id      ? 
_software.pdbx_ordinal     1 
# 
_cell.entry_id           1VTV 
_cell.length_a           17.760 
_cell.length_b           30.570 
_cell.length_c           45.420 
_cell.angle_alpha        90.00 
_cell.angle_beta         90.00 
_cell.angle_gamma        90.00 
_cell.Z_PDB              8 
_cell.pdbx_unique_axis   ? 
_cell.length_a_esd       ? 
_cell.length_b_esd       ? 
_cell.length_c_esd       ? 
_cell.angle_alpha_esd    ? 
_cell.angle_beta_esd     ? 
_cell.angle_gamma_esd    ? 
# 
_symmetry.entry_id                         1VTV 
_symmetry.space_group_name_H-M             'P 21 21 21' 
_symmetry.pdbx_full_space_group_name_H-M   ? 
_symmetry.cell_setting                     ? 
_symmetry.Int_Tables_number                19 
_symmetry.space_group_name_Hall            ? 
# 
_exptl.entry_id          1VTV 
_exptl.method            'X-RAY DIFFRACTION' 
_exptl.crystals_number   ? 
# 
_exptl_crystal.id                    1 
_exptl_crystal.density_meas          ? 
_exptl_crystal.density_percent_sol   26.09 
_exptl_crystal.density_Matthews      1.66 
_exptl_crystal.description           ? 
_exptl_crystal.F_000                 ? 
_exptl_crystal.preparation           ? 
# 
_exptl_crystal_grow.crystal_id      1 
_exptl_crystal_grow.method          'VAPOR DIFFUSION, SITTING DROP' 
_exptl_crystal_grow.temp            ? 
_exptl_crystal_grow.temp_details    'ROOM TEMPERATURE' 
_exptl_crystal_grow.pH              ? 
_exptl_crystal_grow.pdbx_details    'VAPOR DIFFUSION, SITTING DROP' 
_exptl_crystal_grow.pdbx_pH_range   ? 
# 
loop_
_exptl_crystal_grow_comp.crystal_id 
_exptl_crystal_grow_comp.id 
_exptl_crystal_grow_comp.sol_id 
_exptl_crystal_grow_comp.name 
_exptl_crystal_grow_comp.volume 
_exptl_crystal_grow_comp.conc 
_exptl_crystal_grow_comp.details 
1 1 1 WATER           1  2  3  
1 2 1 MPD             4  5  6  
1 3 1 'NA CACODYLATE' 7  8  9  
1 4 1 SPERMINE_HCL    10 11 12 
1 5 1 MGCL2           13 14 15 
1 6 2 WATER           16 17 18 
1 7 2 MPD             19 20 21 
# 
_diffrn.id                     1 
_diffrn.ambient_temp           265.00 
_diffrn.ambient_temp_details   ? 
_diffrn.crystal_id             1 
# 
_diffrn_detector.diffrn_id              1 
_diffrn_detector.detector               DIFFRACTOMETER 
_diffrn_detector.type                   'NICOLET P3' 
_diffrn_detector.pdbx_collection_date   ? 
_diffrn_detector.details                ? 
# 
_diffrn_radiation.diffrn_id                        1 
_diffrn_radiation.wavelength_id                    1 
_diffrn_radiation.pdbx_monochromatic_or_laue_m_l   M 
_diffrn_radiation.monochromator                    ? 
_diffrn_radiation.pdbx_diffrn_protocol             'SINGLE WAVELENGTH' 
_diffrn_radiation.pdbx_scattering_type             x-ray 
# 
_diffrn_radiation_wavelength.id           1 
_diffrn_radiation_wavelength.wavelength   . 
_diffrn_radiation_wavelength.wt           1.0 
# 
_reflns.entry_id                     1VTV 
_reflns.observed_criterion_sigma_I   1.500 
_reflns.observed_criterion_sigma_F   ? 
_reflns.d_resolution_low             ? 
_reflns.d_resolution_high            1.300 
_reflns.number_obs                   4208 
_reflns.number_all                   ? 
_reflns.percent_possible_obs         ? 
_reflns.pdbx_Rmerge_I_obs            ? 
_reflns.pdbx_Rsym_value              ? 
_reflns.pdbx_netI_over_sigmaI        ? 
_reflns.B_iso_Wilson_estimate        ? 
_reflns.pdbx_redundancy              ? 
_reflns.R_free_details               ? 
_reflns.pdbx_ordinal                 1 
_reflns.pdbx_diffrn_id               1 
_reflns.pdbx_chi_squared             ? 
_reflns.pdbx_scaling_rejects         ? 
# 
_refine.entry_id                                 1VTV 
_refine.ls_number_reflns_obs                     4208 
_refine.ls_number_reflns_all                     ? 
_refine.pdbx_ls_sigma_I                          1.500 
_refine.pdbx_ls_sigma_F                          ? 
_refine.pdbx_data_cutoff_high_absF               ? 
_refine.pdbx_data_cutoff_low_absF                ? 
_refine.pdbx_data_cutoff_high_rms_absF           ? 
_refine.ls_d_res_low                             ? 
_refine.ls_d_res_high                            1.300 
_refine.ls_percent_reflns_obs                    ? 
_refine.ls_R_factor_obs                          0.1560000 
_refine.ls_R_factor_all                          ? 
_refine.ls_R_factor_R_work                       ? 
_refine.ls_R_factor_R_free                       ? 
_refine.ls_R_factor_R_free_error                 ? 
_refine.ls_R_factor_R_free_error_details         ? 
_refine.ls_percent_reflns_R_free                 ? 
_refine.ls_number_reflns_R_free                  ? 
_refine.ls_number_parameters                     ? 
_refine.ls_number_restraints                     ? 
_refine.occupancy_min                            ? 
_refine.occupancy_max                            ? 
_refine.B_iso_mean                               ? 
_refine.aniso_B[1][1]                            ? 
_refine.aniso_B[2][2]                            ? 
_refine.aniso_B[3][3]                            ? 
_refine.aniso_B[1][2]                            ? 
_refine.aniso_B[1][3]                            ? 
_refine.aniso_B[2][3]                            ? 
_refine.solvent_model_details                    ? 
_refine.solvent_model_param_ksol                 ? 
_refine.solvent_model_param_bsol                 ? 
_refine.pdbx_ls_cross_valid_method               ? 
_refine.details                                  ? 
_refine.pdbx_starting_model                      ? 
_refine.pdbx_method_to_determine_struct          ? 
_refine.pdbx_isotropic_thermal_model             ? 
_refine.pdbx_stereochemistry_target_values       ? 
_refine.pdbx_stereochem_target_val_spec_case     ? 
_refine.pdbx_R_Free_selection_details            ? 
_refine.pdbx_overall_ESU_R_Free                  ? 
_refine.overall_SU_ML                            ? 
_refine.overall_SU_B                             ? 
_refine.ls_redundancy_reflns_obs                 ? 
_refine.correlation_coeff_Fo_to_Fc               ? 
_refine.correlation_coeff_Fo_to_Fc_free          ? 
_refine.overall_SU_R_Cruickshank_DPI             ? 
_refine.overall_SU_R_free                        ? 
_refine.pdbx_refine_id                           'X-RAY DIFFRACTION' 
_refine.pdbx_diffrn_id                           1 
_refine.pdbx_overall_phase_error                 ? 
_refine.pdbx_solvent_vdw_probe_radii             ? 
_refine.pdbx_solvent_ion_probe_radii             ? 
_refine.pdbx_solvent_shrinkage_radii             ? 
_refine.ls_wR_factor_R_free                      ? 
_refine.ls_wR_factor_R_work                      ? 
_refine.overall_FOM_free_R_set                   ? 
_refine.overall_FOM_work_R_set                   ? 
_refine.pdbx_overall_ESU_R                       ? 
_refine.pdbx_TLS_residual_ADP_flag               ? 
_refine.pdbx_overall_SU_R_free_Cruickshank_DPI   ? 
_refine.pdbx_overall_SU_R_Blow_DPI               ? 
_refine.pdbx_overall_SU_R_free_Blow_DPI          ? 
# 
_refine_hist.pdbx_refine_id                   'X-RAY DIFFRACTION' 
_refine_hist.cycle_id                         LAST 
_refine_hist.pdbx_number_atoms_protein        0 
_refine_hist.pdbx_number_atoms_nucleic_acid   246 
_refine_hist.pdbx_number_atoms_ligand         0 
_refine_hist.number_atoms_solvent             0 
_refine_hist.number_atoms_total               246 
_refine_hist.d_res_high                       1.300 
_refine_hist.d_res_low                        . 
# 
_struct.entry_id                  1VTV 
_struct.title                     
'Molecular structure of (M5DC-DG)3: The role of the methyl group on 5-methyl cytosine in stabilizing Z-DNA' 
_struct.pdbx_model_details        ? 
_struct.pdbx_CASP_flag            ? 
_struct.pdbx_model_type_details   ? 
# 
_struct_keywords.entry_id        1VTV 
_struct_keywords.pdbx_keywords   DNA 
_struct_keywords.text            'Z-DNA, DOUBLE HELIX, MODIFIED, DNA' 
# 
loop_
_struct_asym.id 
_struct_asym.pdbx_blank_PDB_chainid_flag 
_struct_asym.pdbx_modified 
_struct_asym.entity_id 
_struct_asym.details 
A N N 1 ? 
B N N 1 ? 
# 
_struct_ref.id                         1 
_struct_ref.db_name                    PDB 
_struct_ref.db_code                    1VTV 
_struct_ref.pdbx_db_accession          1VTV 
_struct_ref.entity_id                  1 
_struct_ref.pdbx_align_begin           ? 
_struct_ref.pdbx_seq_one_letter_code   CGCGCG 
_struct_ref.pdbx_db_isoform            ? 
# 
loop_
_struct_ref_seq.align_id 
_struct_ref_seq.ref_id 
_struct_ref_seq.pdbx_PDB_id_code 
_struct_ref_seq.pdbx_strand_id 
_struct_ref_seq.seq_align_beg 
_struct_ref_seq.pdbx_seq_align_beg_ins_code 
_struct_ref_seq.seq_align_end 
_struct_ref_seq.pdbx_seq_align_end_ins_code 
_struct_ref_seq.pdbx_db_accession 
_struct_ref_seq.db_align_beg 
_struct_ref_seq.pdbx_db_align_beg_ins_code 
_struct_ref_seq.db_align_end 
_struct_ref_seq.pdbx_db_align_end_ins_code 
_struct_ref_seq.pdbx_auth_seq_align_beg 
_struct_ref_seq.pdbx_auth_seq_align_end 
1 1 1VTV A 1 ? 6 ? 1VTV 1 ? 6  ? 1 6  
2 1 1VTV B 1 ? 6 ? 1VTV 7 ? 12 ? 7 12 
# 
_pdbx_struct_assembly.id                   1 
_pdbx_struct_assembly.details              author_defined_assembly 
_pdbx_struct_assembly.method_details       ? 
_pdbx_struct_assembly.oligomeric_details   dimeric 
_pdbx_struct_assembly.oligomeric_count     2 
# 
_pdbx_struct_assembly_gen.assembly_id       1 
_pdbx_struct_assembly_gen.oper_expression   1 
_pdbx_struct_assembly_gen.asym_id_list      A,B 
# 
_pdbx_struct_oper_list.id                   1 
_pdbx_struct_oper_list.type                 'identity operation' 
_pdbx_struct_oper_list.name                 1_555 
_pdbx_struct_oper_list.symmetry_operation   x,y,z 
_pdbx_struct_oper_list.matrix[1][1]         1.0000000000 
_pdbx_struct_oper_list.matrix[1][2]         0.0000000000 
_pdbx_struct_oper_list.matrix[1][3]         0.0000000000 
_pdbx_struct_oper_list.vector[1]            0.0000000000 
_pdbx_struct_oper_list.matrix[2][1]         0.0000000000 
_pdbx_struct_oper_list.matrix[2][2]         1.0000000000 
_pdbx_struct_oper_list.matrix[2][3]         0.0000000000 
_pdbx_struct_oper_list.vector[2]            0.0000000000 
_pdbx_struct_oper_list.matrix[3][1]         0.0000000000 
_pdbx_struct_oper_list.matrix[3][2]         0.0000000000 
_pdbx_struct_oper_list.matrix[3][3]         1.0000000000 
_pdbx_struct_oper_list.vector[3]            0.0000000000 
# 
_struct_biol.id                    1 
_struct_biol.pdbx_parent_biol_id   ? 
_struct_biol.details               ? 
# 
loop_
_struct_conn.id 
_struct_conn.conn_type_id 
_struct_conn.pdbx_leaving_atom_flag 
_struct_conn.pdbx_PDB_id 
_struct_conn.ptnr1_label_asym_id 
_struct_conn.ptnr1_label_comp_id 
_struct_conn.ptnr1_label_seq_id 
_struct_conn.ptnr1_label_atom_id 
_struct_conn.pdbx_ptnr1_label_alt_id 
_struct_conn.pdbx_ptnr1_PDB_ins_code 
_struct_conn.pdbx_ptnr1_standard_comp_id 
_struct_conn.ptnr1_symmetry 
_struct_conn.ptnr2_label_asym_id 
_struct_conn.ptnr2_label_comp_id 
_struct_conn.ptnr2_label_seq_id 
_struct_conn.ptnr2_label_atom_id 
_struct_conn.pdbx_ptnr2_label_alt_id 
_struct_conn.pdbx_ptnr2_PDB_ins_code 
_struct_conn.ptnr1_auth_asym_id 
_struct_conn.ptnr1_auth_comp_id 
_struct_conn.ptnr1_auth_seq_id 
_struct_conn.ptnr2_auth_asym_id 
_struct_conn.ptnr2_auth_comp_id 
_struct_conn.ptnr2_auth_seq_id 
_struct_conn.ptnr2_symmetry 
_struct_conn.pdbx_ptnr3_label_atom_id 
_struct_conn.pdbx_ptnr3_label_seq_id 
_struct_conn.pdbx_ptnr3_label_comp_id 
_struct_conn.pdbx_ptnr3_label_asym_id 
_struct_conn.pdbx_ptnr3_label_alt_id 
_struct_conn.pdbx_ptnr3_PDB_ins_code 
_struct_conn.details 
_struct_conn.pdbx_dist_value 
_struct_conn.pdbx_value_order 
_struct_conn.pdbx_role 
covale1  covale both ? A 5CM 1 "O3'" ? ? ? 1_555 A DG  2 P  ? ? A 5CM 1  A DG  2  1_555 ? ? ? ? ? ? ?            1.578 ? ? 
covale2  covale both ? A DG  2 "O3'" ? ? ? 1_555 A 5CM 3 P  A ? A DG  2  A 5CM 3  1_555 ? ? ? ? ? ? ?            1.577 ? ? 
covale3  covale both ? A DG  2 "O3'" ? ? ? 1_555 A 5CM 3 P  B ? A DG  2  A 5CM 3  1_555 ? ? ? ? ? ? ?            1.529 ? ? 
covale4  covale both ? A 5CM 3 "O3'" ? ? ? 1_555 A DG  4 P  ? ? A 5CM 3  A DG  4  1_555 ? ? ? ? ? ? ?            1.611 ? ? 
covale5  covale both ? A DG  4 "O3'" ? ? ? 1_555 A 5CM 5 P  A ? A DG  4  A 5CM 5  1_555 ? ? ? ? ? ? ?            1.574 ? ? 
covale6  covale both ? A DG  4 "O3'" ? ? ? 1_555 A 5CM 5 P  B ? A DG  4  A 5CM 5  1_555 ? ? ? ? ? ? ?            1.584 ? ? 
covale7  covale both ? A 5CM 5 "O3'" ? ? ? 1_555 A DG  6 P  ? ? A 5CM 5  A DG  6  1_555 ? ? ? ? ? ? ?            1.579 ? ? 
covale8  covale both ? B 5CM 1 "O3'" ? ? ? 1_555 B DG  2 P  ? ? B 5CM 7  B DG  8  1_555 ? ? ? ? ? ? ?            1.595 ? ? 
covale9  covale both ? B DG  2 "O3'" ? ? ? 1_555 B 5CM 3 P  ? ? B DG  8  B 5CM 9  1_555 ? ? ? ? ? ? ?            1.578 ? ? 
covale10 covale both ? B 5CM 3 "O3'" ? ? ? 1_555 B DG  4 P  ? ? B 5CM 9  B DG  10 1_555 ? ? ? ? ? ? ?            1.575 ? ? 
covale11 covale both ? B DG  4 "O3'" ? ? ? 1_555 B 5CM 5 P  ? ? B DG  10 B 5CM 11 1_555 ? ? ? ? ? ? ?            1.596 ? ? 
covale12 covale both ? B 5CM 5 "O3'" ? ? ? 1_555 B DG  6 P  ? ? B 5CM 11 B DG  12 1_555 ? ? ? ? ? ? ?            1.591 ? ? 
hydrog1  hydrog ?    ? A 5CM 1 N3    ? ? ? 1_555 B DG  6 N1 ? ? A 5CM 1  B DG  12 1_555 ? ? ? ? ? ? WATSON-CRICK ?     ? ? 
hydrog2  hydrog ?    ? A 5CM 1 N4    ? ? ? 1_555 B DG  6 O6 ? ? A 5CM 1  B DG  12 1_555 ? ? ? ? ? ? WATSON-CRICK ?     ? ? 
hydrog3  hydrog ?    ? A 5CM 1 O2    ? ? ? 1_555 B DG  6 N2 ? ? A 5CM 1  B DG  12 1_555 ? ? ? ? ? ? WATSON-CRICK ?     ? ? 
hydrog4  hydrog ?    ? A DG  2 N1    ? ? ? 1_555 B 5CM 5 N3 ? ? A DG  2  B 5CM 11 1_555 ? ? ? ? ? ? WATSON-CRICK ?     ? ? 
hydrog5  hydrog ?    ? A DG  2 N2    ? ? ? 1_555 B 5CM 5 O2 ? ? A DG  2  B 5CM 11 1_555 ? ? ? ? ? ? WATSON-CRICK ?     ? ? 
hydrog6  hydrog ?    ? A DG  2 O6    ? ? ? 1_555 B 5CM 5 N4 ? ? A DG  2  B 5CM 11 1_555 ? ? ? ? ? ? WATSON-CRICK ?     ? ? 
hydrog7  hydrog ?    ? A 5CM 3 N3    ? ? ? 1_555 B DG  4 N1 ? ? A 5CM 3  B DG  10 1_555 ? ? ? ? ? ? WATSON-CRICK ?     ? ? 
hydrog8  hydrog ?    ? A 5CM 3 N4    ? ? ? 1_555 B DG  4 O6 ? ? A 5CM 3  B DG  10 1_555 ? ? ? ? ? ? WATSON-CRICK ?     ? ? 
hydrog9  hydrog ?    ? A 5CM 3 O2    ? ? ? 1_555 B DG  4 N2 ? ? A 5CM 3  B DG  10 1_555 ? ? ? ? ? ? WATSON-CRICK ?     ? ? 
hydrog10 hydrog ?    ? A DG  4 N1    ? ? ? 1_555 B 5CM 3 N3 ? ? A DG  4  B 5CM 9  1_555 ? ? ? ? ? ? WATSON-CRICK ?     ? ? 
hydrog11 hydrog ?    ? A DG  4 N2    ? ? ? 1_555 B 5CM 3 O2 ? ? A DG  4  B 5CM 9  1_555 ? ? ? ? ? ? WATSON-CRICK ?     ? ? 
hydrog12 hydrog ?    ? A DG  4 O6    ? ? ? 1_555 B 5CM 3 N4 ? ? A DG  4  B 5CM 9  1_555 ? ? ? ? ? ? WATSON-CRICK ?     ? ? 
hydrog13 hydrog ?    ? A 5CM 5 N3    ? ? ? 1_555 B DG  2 N1 ? ? A 5CM 5  B DG  8  1_555 ? ? ? ? ? ? WATSON-CRICK ?     ? ? 
hydrog14 hydrog ?    ? A 5CM 5 N4    ? ? ? 1_555 B DG  2 O6 ? ? A 5CM 5  B DG  8  1_555 ? ? ? ? ? ? WATSON-CRICK ?     ? ? 
hydrog15 hydrog ?    ? A 5CM 5 O2    ? ? ? 1_555 B DG  2 N2 ? ? A 5CM 5  B DG  8  1_555 ? ? ? ? ? ? WATSON-CRICK ?     ? ? 
hydrog16 hydrog ?    ? A DG  6 N1    ? ? ? 1_555 B 5CM 1 N3 ? ? A DG  6  B 5CM 7  1_555 ? ? ? ? ? ? WATSON-CRICK ?     ? ? 
hydrog17 hydrog ?    ? A DG  6 N2    ? ? ? 1_555 B 5CM 1 O2 ? ? A DG  6  B 5CM 7  1_555 ? ? ? ? ? ? WATSON-CRICK ?     ? ? 
hydrog18 hydrog ?    ? A DG  6 O6    ? ? ? 1_555 B 5CM 1 N4 ? ? A DG  6  B 5CM 7  1_555 ? ? ? ? ? ? WATSON-CRICK ?     ? ? 
# 
loop_
_struct_conn_type.id 
_struct_conn_type.criteria 
_struct_conn_type.reference 
covale ? ? 
hydrog ? ? 
# 
loop_
_pdbx_validate_rmsd_bond.id 
_pdbx_validate_rmsd_bond.PDB_model_num 
_pdbx_validate_rmsd_bond.auth_atom_id_1 
_pdbx_validate_rmsd_bond.auth_asym_id_1 
_pdbx_validate_rmsd_bond.auth_comp_id_1 
_pdbx_validate_rmsd_bond.auth_seq_id_1 
_pdbx_validate_rmsd_bond.PDB_ins_code_1 
_pdbx_validate_rmsd_bond.label_alt_id_1 
_pdbx_validate_rmsd_bond.auth_atom_id_2 
_pdbx_validate_rmsd_bond.auth_asym_id_2 
_pdbx_validate_rmsd_bond.auth_comp_id_2 
_pdbx_validate_rmsd_bond.auth_seq_id_2 
_pdbx_validate_rmsd_bond.PDB_ins_code_2 
_pdbx_validate_rmsd_bond.label_alt_id_2 
_pdbx_validate_rmsd_bond.bond_value 
_pdbx_validate_rmsd_bond.bond_target_value 
_pdbx_validate_rmsd_bond.bond_deviation 
_pdbx_validate_rmsd_bond.bond_standard_deviation 
_pdbx_validate_rmsd_bond.linker_flag 
1  1 C6    A DG 2  ? ? N1    A DG  2  ? ? 1.346 1.391 -0.045 0.007 N 
2  1 C2    A DG 2  ? ? N2    A DG  2  ? ? 1.239 1.341 -0.102 0.010 N 
3  1 "O3'" A DG 2  ? ? P     A 5CM 3  ? B 1.529 1.607 -0.078 0.012 Y 
4  1 C6    A DG 4  ? ? N1    A DG  4  ? ? 1.341 1.391 -0.050 0.007 N 
5  1 C8    A DG 4  ? ? N9    A DG  4  ? ? 1.317 1.374 -0.057 0.007 N 
6  1 C2    A DG 4  ? ? N2    A DG  4  ? ? 1.250 1.341 -0.091 0.010 N 
7  1 "C3'" A DG 6  ? ? "C2'" A DG  6  ? ? 1.467 1.516 -0.049 0.008 N 
8  1 C2    A DG 6  ? ? N2    A DG  6  ? ? 1.255 1.341 -0.086 0.010 N 
9  1 C6    B DG 8  ? ? N1    B DG  8  ? ? 1.332 1.391 -0.059 0.007 N 
10 1 C2    B DG 8  ? ? N2    B DG  8  ? ? 1.249 1.341 -0.092 0.010 N 
11 1 N3    B DG 10 ? ? C4    B DG  10 ? ? 1.694 1.350 0.344  0.007 N 
12 1 C4    B DG 10 ? ? C5    B DG  10 ? ? 1.306 1.379 -0.073 0.007 N 
13 1 C6    B DG 10 ? ? N1    B DG  10 ? ? 1.342 1.391 -0.049 0.007 N 
14 1 C5    B DG 10 ? ? N7    B DG  10 ? ? 1.329 1.388 -0.059 0.006 N 
15 1 C8    B DG 10 ? ? N9    B DG  10 ? ? 1.328 1.374 -0.046 0.007 N 
16 1 N9    B DG 10 ? ? C4    B DG  10 ? ? 1.095 1.375 -0.280 0.008 N 
17 1 C2    B DG 10 ? ? N2    B DG  10 ? ? 1.236 1.341 -0.105 0.010 N 
18 1 N1    B DG 12 ? ? C2    B DG  12 ? ? 1.232 1.373 -0.141 0.008 N 
19 1 C6    B DG 12 ? ? N1    B DG  12 ? ? 1.459 1.391 0.068  0.007 N 
20 1 C8    B DG 12 ? ? N9    B DG  12 ? ? 1.327 1.374 -0.047 0.007 N 
21 1 C2    B DG 12 ? ? N2    B DG  12 ? ? 1.241 1.341 -0.100 0.010 N 
# 
loop_
_pdbx_validate_rmsd_angle.id 
_pdbx_validate_rmsd_angle.PDB_model_num 
_pdbx_validate_rmsd_angle.auth_atom_id_1 
_pdbx_validate_rmsd_angle.auth_asym_id_1 
_pdbx_validate_rmsd_angle.auth_comp_id_1 
_pdbx_validate_rmsd_angle.auth_seq_id_1 
_pdbx_validate_rmsd_angle.PDB_ins_code_1 
_pdbx_validate_rmsd_angle.label_alt_id_1 
_pdbx_validate_rmsd_angle.auth_atom_id_2 
_pdbx_validate_rmsd_angle.auth_asym_id_2 
_pdbx_validate_rmsd_angle.auth_comp_id_2 
_pdbx_validate_rmsd_angle.auth_seq_id_2 
_pdbx_validate_rmsd_angle.PDB_ins_code_2 
_pdbx_validate_rmsd_angle.label_alt_id_2 
_pdbx_validate_rmsd_angle.auth_atom_id_3 
_pdbx_validate_rmsd_angle.auth_asym_id_3 
_pdbx_validate_rmsd_angle.auth_comp_id_3 
_pdbx_validate_rmsd_angle.auth_seq_id_3 
_pdbx_validate_rmsd_angle.PDB_ins_code_3 
_pdbx_validate_rmsd_angle.label_alt_id_3 
_pdbx_validate_rmsd_angle.angle_value 
_pdbx_validate_rmsd_angle.angle_target_value 
_pdbx_validate_rmsd_angle.angle_deviation 
_pdbx_validate_rmsd_angle.angle_standard_deviation 
_pdbx_validate_rmsd_angle.linker_flag 
1  1 OP1   A DG 2  ? ? P     A DG 2  ? ? OP2   A DG 2  ? ? 128.90 119.60 9.30   1.50 N 
2  1 "O5'" A DG 2  ? ? "C5'" A DG 2  ? ? "C4'" A DG 2  ? ? 103.59 109.40 -5.81  0.80 N 
3  1 C6    A DG 2  ? ? N1    A DG 2  ? ? C2    A DG 2  ? ? 118.97 125.10 -6.13  0.60 N 
4  1 N1    A DG 2  ? ? C2    A DG 2  ? ? N3    A DG 2  ? ? 127.80 123.90 3.90   0.60 N 
5  1 C5    A DG 2  ? ? C6    A DG 2  ? ? N1    A DG 2  ? ? 118.07 111.50 6.57   0.50 N 
6  1 C4    A DG 2  ? ? C5    A DG 2  ? ? N7    A DG 2  ? ? 113.93 110.80 3.13   0.40 N 
7  1 C5    A DG 2  ? ? N7    A DG 2  ? ? C8    A DG 2  ? ? 100.90 104.30 -3.40  0.50 N 
8  1 N3    A DG 2  ? ? C2    A DG 2  ? ? N2    A DG 2  ? ? 113.90 119.90 -6.00  0.70 N 
9  1 C5    A DG 2  ? ? C6    A DG 2  ? ? O6    A DG 2  ? ? 122.77 128.60 -5.83  0.60 N 
10 1 OP1   A DG 4  ? ? P     A DG 4  ? ? OP2   A DG 4  ? ? 132.79 119.60 13.19  1.50 N 
11 1 "O5'" A DG 4  ? ? "C5'" A DG 4  ? ? "C4'" A DG 4  ? ? 104.32 109.40 -5.08  0.80 N 
12 1 C6    A DG 4  ? ? N1    A DG 4  ? ? C2    A DG 4  ? ? 120.06 125.10 -5.04  0.60 N 
13 1 N1    A DG 4  ? ? C2    A DG 4  ? ? N3    A DG 4  ? ? 127.82 123.90 3.92   0.60 N 
14 1 C5    A DG 4  ? ? C6    A DG 4  ? ? N1    A DG 4  ? ? 117.45 111.50 5.95   0.50 N 
15 1 N3    A DG 4  ? ? C2    A DG 4  ? ? N2    A DG 4  ? ? 112.08 119.90 -7.82  0.70 N 
16 1 C5    A DG 4  ? ? C6    A DG 4  ? ? O6    A DG 4  ? ? 124.72 128.60 -3.88  0.60 N 
17 1 C6    A DG 6  ? ? N1    A DG 6  ? ? C2    A DG 6  ? ? 119.27 125.10 -5.83  0.60 N 
18 1 N1    A DG 6  ? ? C2    A DG 6  ? ? N3    A DG 6  ? ? 129.41 123.90 5.51   0.60 N 
19 1 C5    A DG 6  ? ? C6    A DG 6  ? ? N1    A DG 6  ? ? 116.73 111.50 5.23   0.50 N 
20 1 N3    A DG 6  ? ? C2    A DG 6  ? ? N2    A DG 6  ? ? 111.61 119.90 -8.29  0.70 N 
21 1 "O5'" B DG 8  ? ? "C5'" B DG 8  ? ? "C4'" B DG 8  ? ? 101.20 109.40 -8.20  0.80 N 
22 1 P     B DG 8  ? ? "O5'" B DG 8  ? ? "C5'" B DG 8  ? ? 109.93 120.90 -10.97 1.60 N 
23 1 C5    B DG 8  ? ? C6    B DG 8  ? ? N1    B DG 8  ? ? 116.55 111.50 5.05   0.50 N 
24 1 N3    B DG 8  ? ? C2    B DG 8  ? ? N2    B DG 8  ? ? 113.70 119.90 -6.20  0.70 N 
25 1 C5    B DG 8  ? ? C6    B DG 8  ? ? O6    B DG 8  ? ? 123.74 128.60 -4.86  0.60 N 
26 1 C6    B DG 10 ? ? N1    B DG 10 ? ? C2    B DG 10 ? ? 120.49 125.10 -4.61  0.60 N 
27 1 N1    B DG 10 ? ? C2    B DG 10 ? ? N3    B DG 10 ? ? 127.68 123.90 3.78   0.60 N 
28 1 N3    B DG 10 ? ? C4    B DG 10 ? ? C5    B DG 10 ? ? 108.28 128.60 -20.32 0.50 N 
29 1 C4    B DG 10 ? ? C5    B DG 10 ? ? C6    B DG 10 ? ? 131.82 118.80 13.02  0.60 N 
30 1 C5    B DG 10 ? ? C6    B DG 10 ? ? N1    B DG 10 ? ? 116.93 111.50 5.43   0.50 N 
31 1 C4    B DG 10 ? ? C5    B DG 10 ? ? N7    B DG 10 ? ? 97.68  110.80 -13.12 0.40 N 
32 1 C8    B DG 10 ? ? N9    B DG 10 ? ? C4    B DG 10 ? ? 95.77  106.40 -10.63 0.40 N 
33 1 N9    B DG 10 ? ? C4    B DG 10 ? ? C5    B DG 10 ? ? 129.40 105.40 24.00  0.40 N 
34 1 N3    B DG 10 ? ? C4    B DG 10 ? ? N9    B DG 10 ? ? 122.31 126.00 -3.69  0.60 N 
35 1 N3    B DG 10 ? ? C2    B DG 10 ? ? N2    B DG 10 ? ? 111.48 119.90 -8.42  0.70 N 
36 1 C4    B DG 10 ? ? N9    B DG 10 ? ? "C1'" B DG 10 ? ? 138.02 126.50 11.52  1.30 N 
37 1 P     B DG 12 ? ? "O5'" B DG 12 ? ? "C5'" B DG 12 ? ? 110.96 120.90 -9.94  1.60 N 
38 1 C6    B DG 12 ? ? N1    B DG 12 ? ? C2    B DG 12 ? ? 119.59 125.10 -5.51  0.60 N 
39 1 N1    B DG 12 ? ? C2    B DG 12 ? ? N3    B DG 12 ? ? 131.39 123.90 7.49   0.60 N 
40 1 N3    B DG 12 ? ? C2    B DG 12 ? ? N2    B DG 12 ? ? 112.51 119.90 -7.39  0.70 N 
41 1 C5    B DG 12 ? ? C6    B DG 12 ? ? O6    B DG 12 ? ? 123.27 128.60 -5.33  0.60 N 
# 
loop_
_pdbx_struct_mod_residue.id 
_pdbx_struct_mod_residue.label_asym_id 
_pdbx_struct_mod_residue.label_comp_id 
_pdbx_struct_mod_residue.label_seq_id 
_pdbx_struct_mod_residue.auth_asym_id 
_pdbx_struct_mod_residue.auth_comp_id 
_pdbx_struct_mod_residue.auth_seq_id 
_pdbx_struct_mod_residue.PDB_ins_code 
_pdbx_struct_mod_residue.parent_comp_id 
_pdbx_struct_mod_residue.details 
1 A 5CM 1 A 5CM 1  ? DC ? 
2 A 5CM 3 A 5CM 3  ? DC ? 
3 A 5CM 5 A 5CM 5  ? DC ? 
4 B 5CM 1 B 5CM 7  ? DC ? 
5 B 5CM 3 B 5CM 9  ? DC ? 
6 B 5CM 5 B 5CM 11 ? DC ? 
# 
loop_
_refine_B_iso.class 
_refine_B_iso.details 
_refine_B_iso.treatment 
_refine_B_iso.pdbx_refine_id 
'ALL ATOMS'  TR isotropic 'X-RAY DIFFRACTION' 
'ALL WATERS' TR isotropic 'X-RAY DIFFRACTION' 
# 
loop_
_refine_occupancy.class 
_refine_occupancy.treatment 
_refine_occupancy.pdbx_refine_id 
'ALL ATOMS'  fix 'X-RAY DIFFRACTION' 
'ALL WATERS' fix 'X-RAY DIFFRACTION' 
# 
loop_
_chem_comp_atom.comp_id 
_chem_comp_atom.atom_id 
_chem_comp_atom.type_symbol 
_chem_comp_atom.pdbx_aromatic_flag 
_chem_comp_atom.pdbx_stereo_config 
_chem_comp_atom.pdbx_ordinal 
5CM N1     N N N 1  
5CM C2     C N N 2  
5CM N3     N N N 3  
5CM C4     C N N 4  
5CM C5     C N N 5  
5CM C5A    C N N 6  
5CM C6     C N N 7  
5CM O2     O N N 8  
5CM N4     N N N 9  
5CM "C1'"  C N R 10 
5CM "C2'"  C N N 11 
5CM "C3'"  C N S 12 
5CM "C4'"  C N R 13 
5CM "O4'"  O N N 14 
5CM "O3'"  O N N 15 
5CM "C5'"  C N N 16 
5CM "O5'"  O N N 17 
5CM P      P N N 18 
5CM OP1    O N N 19 
5CM OP2    O N N 20 
5CM OP3    O N N 21 
5CM H5A1   H N N 22 
5CM H5A2   H N N 23 
5CM H5A3   H N N 24 
5CM H6     H N N 25 
5CM HN41   H N N 26 
5CM HN42   H N N 27 
5CM "H1'"  H N N 28 
5CM "H2'"  H N N 29 
5CM "H2''" H N N 30 
5CM "H3'"  H N N 31 
5CM "H4'"  H N N 32 
5CM "HO3'" H N N 33 
5CM "H5'"  H N N 34 
5CM "H5''" H N N 35 
5CM HOP2   H N N 36 
5CM HOP3   H N N 37 
DG  OP3    O N N 38 
DG  P      P N N 39 
DG  OP1    O N N 40 
DG  OP2    O N N 41 
DG  "O5'"  O N N 42 
DG  "C5'"  C N N 43 
DG  "C4'"  C N R 44 
DG  "O4'"  O N N 45 
DG  "C3'"  C N S 46 
DG  "O3'"  O N N 47 
DG  "C2'"  C N N 48 
DG  "C1'"  C N R 49 
DG  N9     N Y N 50 
DG  C8     C Y N 51 
DG  N7     N Y N 52 
DG  C5     C Y N 53 
DG  C6     C N N 54 
DG  O6     O N N 55 
DG  N1     N N N 56 
DG  C2     C N N 57 
DG  N2     N N N 58 
DG  N3     N N N 59 
DG  C4     C Y N 60 
DG  HOP3   H N N 61 
DG  HOP2   H N N 62 
DG  "H5'"  H N N 63 
DG  "H5''" H N N 64 
DG  "H4'"  H N N 65 
DG  "H3'"  H N N 66 
DG  "HO3'" H N N 67 
DG  "H2'"  H N N 68 
DG  "H2''" H N N 69 
DG  "H1'"  H N N 70 
DG  H8     H N N 71 
DG  H1     H N N 72 
DG  H21    H N N 73 
DG  H22    H N N 74 
# 
loop_
_chem_comp_bond.comp_id 
_chem_comp_bond.atom_id_1 
_chem_comp_bond.atom_id_2 
_chem_comp_bond.value_order 
_chem_comp_bond.pdbx_aromatic_flag 
_chem_comp_bond.pdbx_stereo_config 
_chem_comp_bond.pdbx_ordinal 
5CM N1    C2     sing N N 1  
5CM N1    C6     sing N N 2  
5CM N1    "C1'"  sing N N 3  
5CM C2    N3     sing N N 4  
5CM C2    O2     doub N N 5  
5CM N3    C4     doub N N 6  
5CM C4    C5     sing N N 7  
5CM C4    N4     sing N N 8  
5CM C5    C5A    sing N N 9  
5CM C5    C6     doub N N 10 
5CM C5A   H5A1   sing N N 11 
5CM C5A   H5A2   sing N N 12 
5CM C5A   H5A3   sing N N 13 
5CM C6    H6     sing N N 14 
5CM N4    HN41   sing N N 15 
5CM N4    HN42   sing N N 16 
5CM "C1'" "C2'"  sing N N 17 
5CM "C1'" "O4'"  sing N N 18 
5CM "C1'" "H1'"  sing N N 19 
5CM "C2'" "C3'"  sing N N 20 
5CM "C2'" "H2'"  sing N N 21 
5CM "C2'" "H2''" sing N N 22 
5CM "C3'" "C4'"  sing N N 23 
5CM "C3'" "O3'"  sing N N 24 
5CM "C3'" "H3'"  sing N N 25 
5CM "C4'" "O4'"  sing N N 26 
5CM "C4'" "C5'"  sing N N 27 
5CM "C4'" "H4'"  sing N N 28 
5CM "O3'" "HO3'" sing N N 29 
5CM "C5'" "O5'"  sing N N 30 
5CM "C5'" "H5'"  sing N N 31 
5CM "C5'" "H5''" sing N N 32 
5CM "O5'" P      sing N N 33 
5CM P     OP1    doub N N 34 
5CM P     OP2    sing N N 35 
5CM P     OP3    sing N N 36 
5CM OP2   HOP2   sing N N 37 
5CM OP3   HOP3   sing N N 38 
DG  OP3   P      sing N N 39 
DG  OP3   HOP3   sing N N 40 
DG  P     OP1    doub N N 41 
DG  P     OP2    sing N N 42 
DG  P     "O5'"  sing N N 43 
DG  OP2   HOP2   sing N N 44 
DG  "O5'" "C5'"  sing N N 45 
DG  "C5'" "C4'"  sing N N 46 
DG  "C5'" "H5'"  sing N N 47 
DG  "C5'" "H5''" sing N N 48 
DG  "C4'" "O4'"  sing N N 49 
DG  "C4'" "C3'"  sing N N 50 
DG  "C4'" "H4'"  sing N N 51 
DG  "O4'" "C1'"  sing N N 52 
DG  "C3'" "O3'"  sing N N 53 
DG  "C3'" "C2'"  sing N N 54 
DG  "C3'" "H3'"  sing N N 55 
DG  "O3'" "HO3'" sing N N 56 
DG  "C2'" "C1'"  sing N N 57 
DG  "C2'" "H2'"  sing N N 58 
DG  "C2'" "H2''" sing N N 59 
DG  "C1'" N9     sing N N 60 
DG  "C1'" "H1'"  sing N N 61 
DG  N9    C8     sing Y N 62 
DG  N9    C4     sing Y N 63 
DG  C8    N7     doub Y N 64 
DG  C8    H8     sing N N 65 
DG  N7    C5     sing Y N 66 
DG  C5    C6     sing N N 67 
DG  C5    C4     doub Y N 68 
DG  C6    O6     doub N N 69 
DG  C6    N1     sing N N 70 
DG  N1    C2     sing N N 71 
DG  N1    H1     sing N N 72 
DG  C2    N2     sing N N 73 
DG  C2    N3     doub N N 74 
DG  N2    H21    sing N N 75 
DG  N2    H22    sing N N 76 
DG  N3    C4     sing N N 77 
# 
_ndb_struct_conf_na.entry_id   1VTV 
_ndb_struct_conf_na.feature    'z-form double helix' 
# 
loop_
_ndb_struct_na_base_pair.model_number 
_ndb_struct_na_base_pair.i_label_asym_id 
_ndb_struct_na_base_pair.i_label_comp_id 
_ndb_struct_na_base_pair.i_label_seq_id 
_ndb_struct_na_base_pair.i_symmetry 
_ndb_struct_na_base_pair.j_label_asym_id 
_ndb_struct_na_base_pair.j_label_comp_id 
_ndb_struct_na_base_pair.j_label_seq_id 
_ndb_struct_na_base_pair.j_symmetry 
_ndb_struct_na_base_pair.shear 
_ndb_struct_na_base_pair.stretch 
_ndb_struct_na_base_pair.stagger 
_ndb_struct_na_base_pair.buckle 
_ndb_struct_na_base_pair.propeller 
_ndb_struct_na_base_pair.opening 
_ndb_struct_na_base_pair.pair_number 
_ndb_struct_na_base_pair.pair_name 
_ndb_struct_na_base_pair.i_auth_asym_id 
_ndb_struct_na_base_pair.i_auth_seq_id 
_ndb_struct_na_base_pair.i_PDB_ins_code 
_ndb_struct_na_base_pair.j_auth_asym_id 
_ndb_struct_na_base_pair.j_auth_seq_id 
_ndb_struct_na_base_pair.j_PDB_ins_code 
_ndb_struct_na_base_pair.hbond_type_28 
_ndb_struct_na_base_pair.hbond_type_12 
1 A 5CM 1 1_555 B DG  6 1_555 -0.316 -0.162 0.033  8.724  -0.676 1.506  1 A_5CM1:DG12_B A 1 ? B 12 ? 19 1 
1 A DG  2 1_555 B 5CM 5 1_555 0.308  -0.163 0.289  -7.871 -0.003 1.457  2 A_DG2:5CM11_B A 2 ? B 11 ? 19 1 
1 A 5CM 3 1_555 B DG  4 1_555 -0.269 -0.136 -0.067 3.456  -6.266 -0.566 3 A_5CM3:DG10_B A 3 ? B 10 ? 19 1 
1 A DG  4 1_555 B 5CM 3 1_555 0.142  -0.118 -0.080 -7.173 -0.247 2.062  4 A_DG4:5CM9_B  A 4 ? B 9  ? 19 1 
1 A 5CM 5 1_555 B DG  2 1_555 -0.238 -0.141 -0.010 7.506  -2.561 1.267  5 A_5CM5:DG8_B  A 5 ? B 8  ? 19 1 
1 A DG  6 1_555 B 5CM 1 1_555 0.283  -0.166 0.086  -5.409 0.243  1.192  6 A_DG6:5CM7_B  A 6 ? B 7  ? 19 1 
# 
loop_
_ndb_struct_na_base_pair_step.model_number 
_ndb_struct_na_base_pair_step.i_label_asym_id_1 
_ndb_struct_na_base_pair_step.i_label_comp_id_1 
_ndb_struct_na_base_pair_step.i_label_seq_id_1 
_ndb_struct_na_base_pair_step.i_symmetry_1 
_ndb_struct_na_base_pair_step.j_label_asym_id_1 
_ndb_struct_na_base_pair_step.j_label_comp_id_1 
_ndb_struct_na_base_pair_step.j_label_seq_id_1 
_ndb_struct_na_base_pair_step.j_symmetry_1 
_ndb_struct_na_base_pair_step.i_label_asym_id_2 
_ndb_struct_na_base_pair_step.i_label_comp_id_2 
_ndb_struct_na_base_pair_step.i_label_seq_id_2 
_ndb_struct_na_base_pair_step.i_symmetry_2 
_ndb_struct_na_base_pair_step.j_label_asym_id_2 
_ndb_struct_na_base_pair_step.j_label_comp_id_2 
_ndb_struct_na_base_pair_step.j_label_seq_id_2 
_ndb_struct_na_base_pair_step.j_symmetry_2 
_ndb_struct_na_base_pair_step.shift 
_ndb_struct_na_base_pair_step.slide 
_ndb_struct_na_base_pair_step.rise 
_ndb_struct_na_base_pair_step.tilt 
_ndb_struct_na_base_pair_step.roll 
_ndb_struct_na_base_pair_step.twist 
_ndb_struct_na_base_pair_step.x_displacement 
_ndb_struct_na_base_pair_step.y_displacement 
_ndb_struct_na_base_pair_step.helical_rise 
_ndb_struct_na_base_pair_step.inclination 
_ndb_struct_na_base_pair_step.tip 
_ndb_struct_na_base_pair_step.helical_twist 
_ndb_struct_na_base_pair_step.step_number 
_ndb_struct_na_base_pair_step.step_name 
_ndb_struct_na_base_pair_step.i_auth_asym_id_1 
_ndb_struct_na_base_pair_step.i_auth_seq_id_1 
_ndb_struct_na_base_pair_step.i_PDB_ins_code_1 
_ndb_struct_na_base_pair_step.j_auth_asym_id_1 
_ndb_struct_na_base_pair_step.j_auth_seq_id_1 
_ndb_struct_na_base_pair_step.j_PDB_ins_code_1 
_ndb_struct_na_base_pair_step.i_auth_asym_id_2 
_ndb_struct_na_base_pair_step.i_auth_seq_id_2 
_ndb_struct_na_base_pair_step.i_PDB_ins_code_2 
_ndb_struct_na_base_pair_step.j_auth_asym_id_2 
_ndb_struct_na_base_pair_step.j_auth_seq_id_2 
_ndb_struct_na_base_pair_step.j_PDB_ins_code_2 
1 A 5CM 1 1_555 B DG  6 1_555 A DG  2 1_555 B 5CM 5 1_555 -0.147 5.710  4.081 -0.491 -0.042 -10.947 -29.819 -1.725 4.092 0.221  
-2.574 -10.958 1 AA_5CM1DG2:5CM11DG12_BB A 1 ? B 12 ? A 2 ? B 11 ? 
1 A DG  2 1_555 B 5CM 5 1_555 A 5CM 3 1_555 B DG  4 1_555 -0.134 -1.063 3.348 3.093  -3.941 -46.664 1.665   0.090  3.255 4.958  
3.891  -46.917 2 AA_DG25CM3:DG105CM11_BB A 2 ? B 11 ? A 3 ? B 10 ? 
1 A 5CM 3 1_555 B DG  4 1_555 A DG  4 1_555 B 5CM 3 1_555 -0.099 5.521  3.688 -0.178 -5.382 -12.098 -15.418 -0.710 5.607 24.038 
-0.795 -13.238 3 AA_5CM3DG4:5CM9DG10_BB  A 3 ? B 10 ? A 4 ? B 9  ? 
1 A DG  4 1_555 B 5CM 3 1_555 A 5CM 5 1_555 B DG  2 1_555 -0.206 -1.015 3.250 -0.060 -3.893 -46.200 1.613   -0.267 3.158 4.951  
-0.077 -46.355 4 AA_DG45CM5:DG85CM9_BB   A 4 ? B 9  ? A 5 ? B 8  ? 
1 A 5CM 5 1_555 B DG  2 1_555 A DG  6 1_555 B 5CM 1 1_555 0.140  5.682  3.875 -0.483 -1.220 -13.413 -22.626 -0.033 4.373 5.205  
-2.060 -13.477 5 AA_5CM5DG6:5CM7DG8_BB   A 5 ? B 8  ? A 6 ? B 7  ? 
# 
_atom_sites.entry_id                    1VTV 
_atom_sites.fract_transf_matrix[1][1]   0.00828040 
_atom_sites.fract_transf_matrix[1][2]   0.00264259 
_atom_sites.fract_transf_matrix[1][3]   0.05563108 
_atom_sites.fract_transf_matrix[2][1]   -0.02126449 
_atom_sites.fract_transf_matrix[2][2]   -0.02447787 
_atom_sites.fract_transf_matrix[2][3]   0.00432786 
_atom_sites.fract_transf_matrix[3][1]   0.01641420 
_atom_sites.fract_transf_matrix[3][2]   -0.01456900 
_atom_sites.fract_transf_matrix[3][3]   -0.00175111 
_atom_sites.fract_transf_vector[1]      0.711439 
_atom_sites.fract_transf_vector[2]      0.495969 
_atom_sites.fract_transf_vector[3]      0.128847 
# 
_atom_sites_footnote.id     1 
_atom_sites_footnote.text   'THESE PHOSPHATES ARE DISORDERED.' 
# 
loop_
_atom_type.symbol 
C 
N 
O 
P 
# 
loop_
_atom_site.group_PDB 
_atom_site.id 
_atom_site.type_symbol 
_atom_site.label_atom_id 
_atom_site.label_alt_id 
_atom_site.label_comp_id 
_atom_site.label_asym_id 
_atom_site.label_entity_id 
_atom_site.label_seq_id 
_atom_site.pdbx_PDB_ins_code 
_atom_site.Cartn_x 
_atom_site.Cartn_y 
_atom_site.Cartn_z 
_atom_site.occupancy 
_atom_site.B_iso_or_equiv 
_atom_site.pdbx_formal_charge 
_atom_site.auth_seq_id 
_atom_site.auth_comp_id 
_atom_site.auth_asym_id 
_atom_site.auth_atom_id 
_atom_site.pdbx_PDB_model_num 
HETATM 1   N N1    . 5CM A 1 1 ? -5.572  7.580   -0.881 1.00 10.00 ? 1  5CM A N1    1 
HETATM 2   C C2    . 5CM A 1 1 ? -5.651  7.672   0.472  1.00 10.00 ? 1  5CM A C2    1 
HETATM 3   N N3    . 5CM A 1 1 ? -4.874  8.663   1.044  1.00 10.00 ? 1  5CM A N3    1 
HETATM 4   C C4    . 5CM A 1 1 ? -4.049  9.509   0.321  1.00 10.00 ? 1  5CM A C4    1 
HETATM 5   C C5    . 5CM A 1 1 ? -3.997  9.344   -1.074 1.00 10.00 ? 1  5CM A C5    1 
HETATM 6   C C5A   . 5CM A 1 1 ? -3.104  10.245  -1.912 1.00 10.00 ? 1  5CM A C5A   1 
HETATM 7   C C6    . 5CM A 1 1 ? -4.747  8.401   -1.633 1.00 10.00 ? 1  5CM A C6    1 
HETATM 8   O O2    . 5CM A 1 1 ? -6.350  6.991   1.184  1.00 10.00 ? 1  5CM A O2    1 
HETATM 9   N N4    . 5CM A 1 1 ? -3.347  10.454  1.031  1.00 10.00 ? 1  5CM A N4    1 
HETATM 10  C "C1'" . 5CM A 1 1 ? -6.418  6.483   -1.518 1.00 10.00 ? 1  5CM A "C1'" 1 
HETATM 11  C "C2'" . 5CM A 1 1 ? -7.820  7.068   -1.932 1.00 10.00 ? 1  5CM A "C2'" 1 
HETATM 12  C "C3'" . 5CM A 1 1 ? -8.165  6.088   -3.065 1.00 10.00 ? 1  5CM A "C3'" 1 
HETATM 13  C "C4'" . 5CM A 1 1 ? -6.791  5.690   -3.672 1.00 10.00 ? 1  5CM A "C4'" 1 
HETATM 14  O "O4'" . 5CM A 1 1 ? -5.803  6.051   -2.715 1.00 10.00 ? 1  5CM A "O4'" 1 
HETATM 15  O "O3'" . 5CM A 1 1 ? -8.696  4.966   -2.432 1.00 10.00 ? 1  5CM A "O3'" 1 
HETATM 16  C "C5'" . 5CM A 1 1 ? -6.396  6.388   -4.971 1.00 10.00 ? 1  5CM A "C5'" 1 
HETATM 17  O "O5'" . 5CM A 1 1 ? -6.541  7.821   -4.719 1.00 10.00 ? 1  5CM A "O5'" 1 
ATOM   18  P P     . DG  A 1 2 ? -9.841  4.058   -3.027 1.00 10.00 ? 2  DG  A P     1 
ATOM   19  O OP1   . DG  A 1 2 ? -10.695 4.972   -3.782 1.00 10.00 ? 2  DG  A OP1   1 
ATOM   20  O OP2   . DG  A 1 2 ? -10.184 3.203   -1.984 1.00 10.00 ? 2  DG  A OP2   1 
ATOM   21  O "O5'" . DG  A 1 2 ? -9.141  3.056   -4.119 1.00 10.00 ? 2  DG  A "O5'" 1 
ATOM   22  C "C5'" . DG  A 1 2 ? -8.094  2.234   -3.689 1.00 10.00 ? 2  DG  A "C5'" 1 
ATOM   23  C "C4'" . DG  A 1 2 ? -7.473  1.720   -5.005 1.00 10.00 ? 2  DG  A "C4'" 1 
ATOM   24  O "O4'" . DG  A 1 2 ? -6.836  2.756   -5.719 1.00 10.00 ? 2  DG  A "O4'" 1 
ATOM   25  C "C3'" . DG  A 1 2 ? -6.362  0.683   -4.695 1.00 10.00 ? 2  DG  A "C3'" 1 
ATOM   26  O "O3'" . DG  A 1 2 ? -7.101  -0.542  -4.629 1.00 10.00 ? 2  DG  A "O3'" 1 
ATOM   27  C "C2'" . DG  A 1 2 ? -5.370  0.874   -5.790 1.00 10.00 ? 2  DG  A "C2'" 1 
ATOM   28  C "C1'" . DG  A 1 2 ? -5.561  2.329   -6.264 1.00 10.00 ? 2  DG  A "C1'" 1 
ATOM   29  N N9    . DG  A 1 2 ? -4.610  3.259   -5.827 1.00 10.00 ? 2  DG  A N9    1 
ATOM   30  C C8    . DG  A 1 2 ? -3.924  4.068   -6.640 1.00 10.00 ? 2  DG  A C8    1 
ATOM   31  N N7    . DG  A 1 2 ? -3.053  4.873   -6.033 1.00 10.00 ? 2  DG  A N7    1 
ATOM   32  C C5    . DG  A 1 2 ? -3.277  4.553   -4.718 1.00 10.00 ? 2  DG  A C5    1 
ATOM   33  C C6    . DG  A 1 2 ? -2.710  5.103   -3.530 1.00 10.00 ? 2  DG  A C6    1 
ATOM   34  O O6    . DG  A 1 2 ? -1.851  6.045   -3.548 1.00 10.00 ? 2  DG  A O6    1 
ATOM   35  N N1    . DG  A 1 2 ? -3.108  4.601   -2.347 1.00 10.00 ? 2  DG  A N1    1 
ATOM   36  C C2    . DG  A 1 2 ? -4.039  3.626   -2.331 1.00 10.00 ? 2  DG  A C2    1 
ATOM   37  N N2    . DG  A 1 2 ? -4.406  3.183   -1.234 1.00 10.00 ? 2  DG  A N2    1 
ATOM   38  N N3    . DG  A 1 2 ? -4.641  3.054   -3.375 1.00 10.00 ? 2  DG  A N3    1 
ATOM   39  C C4    . DG  A 1 2 ? -4.219  3.580   -4.536 1.00 10.00 ? 2  DG  A C4    1 
HETATM 40  N N1    . 5CM A 1 3 ? -2.039  0.153   -1.984 1.00 10.00 ? 3  5CM A N1    1 
HETATM 41  C C2    . 5CM A 1 3 ? -1.362  1.123   -1.304 1.00 10.00 ? 3  5CM A C2    1 
HETATM 42  N N3    . 5CM A 1 3 ? -0.737  2.069   -2.053 1.00 10.00 ? 3  5CM A N3    1 
HETATM 43  C C4    . 5CM A 1 3 ? -0.774  2.091   -3.433 1.00 10.00 ? 3  5CM A C4    1 
HETATM 44  C C5    . 5CM A 1 3 ? -1.505  1.073   -4.110 1.00 10.00 ? 3  5CM A C5    1 
HETATM 45  C C5A   . 5CM A 1 3 ? -1.578  1.001   -5.617 1.00 10.00 ? 3  5CM A C5A   1 
HETATM 46  C C6    . 5CM A 1 3 ? -2.119  0.162   -3.362 1.00 10.00 ? 3  5CM A C6    1 
HETATM 47  O O2    . 5CM A 1 3 ? -1.300  1.166   -0.105 1.00 10.00 ? 3  5CM A O2    1 
HETATM 48  N N4    . 5CM A 1 3 ? -0.104  3.088   -4.087 1.00 10.00 ? 3  5CM A N4    1 
HETATM 49  C "C1'" . 5CM A 1 3 ? -2.761  -0.861  -1.169 1.00 10.00 ? 3  5CM A "C1'" 1 
HETATM 50  C "C2'" . 5CM A 1 3 ? -4.249  -0.336  -0.864 1.00 10.00 ? 3  5CM A "C2'" 1 
HETATM 51  C "C3'" . 5CM A 1 3 ? -4.848  -1.707  -0.496 1.00 10.00 ? 3  5CM A "C3'" 1 
HETATM 52  C "C4'" . 5CM A 1 3 ? -4.207  -2.704  -1.502 1.00 10.00 ? 3  5CM A "C4'" 1 
HETATM 53  O "O4'" . 5CM A 1 3 ? -3.003  -1.977  -1.967 1.00 10.00 ? 3  5CM A "O4'" 1 
HETATM 54  O "O3'" . 5CM A 1 3 ? -4.511  -2.099  0.795  1.00 10.00 ? 3  5CM A "O3'" 1 
HETATM 55  C "C5'" . 5CM A 1 3 ? -5.011  -3.050  -2.723 1.00 10.00 ? 3  5CM A "C5'" 1 
HETATM 56  O "O5'" . 5CM A 1 3 ? -5.466  -1.865  -3.246 1.00 10.00 ? 3  5CM A "O5'" 1 
HETATM 57  P P     A 5CM A 1 3 ? -7.063  -1.463  -3.350 0.50 10.00 ? 3  5CM A P     1 
HETATM 58  P P     B 5CM A 1 3 ? -6.418  -1.906  -4.529 0.50 10.00 ? 3  5CM A P     1 
HETATM 59  O OP1   A 5CM A 1 3 ? -7.686  -2.679  -3.649 0.50 10.00 ? 3  5CM A OP1   1 
HETATM 60  O OP1   B 5CM A 1 3 ? -7.476  -2.935  -4.638 0.50 10.00 ? 3  5CM A OP1   1 
HETATM 61  O OP2   A 5CM A 1 3 ? -7.509  -0.764  -2.158 0.50 10.00 ? 3  5CM A OP2   1 
HETATM 62  O OP2   B 5CM A 1 3 ? -5.369  -1.884  -5.560 0.50 10.00 ? 3  5CM A OP2   1 
ATOM   63  P P     . DG  A 1 4 ? -5.506  -3.041  1.643  1.00 10.00 ? 4  DG  A P     1 
ATOM   64  O OP1   . DG  A 1 4 ? -6.857  -2.779  1.248  1.00 10.00 ? 4  DG  A OP1   1 
ATOM   65  O OP2   . DG  A 1 4 ? -4.845  -2.951  2.861  1.00 10.00 ? 4  DG  A OP2   1 
ATOM   66  O "O5'" . DG  A 1 4 ? -5.142  -4.568  1.133  1.00 10.00 ? 4  DG  A "O5'" 1 
ATOM   67  C "C5'" . DG  A 1 4 ? -3.874  -5.084  1.323  1.00 10.00 ? 4  DG  A "C5'" 1 
ATOM   68  C "C4'" . DG  A 1 4 ? -3.879  -6.402  0.537  1.00 10.00 ? 4  DG  A "C4'" 1 
ATOM   69  O "O4'" . DG  A 1 4 ? -4.145  -6.154  -0.814 1.00 10.00 ? 4  DG  A "O4'" 1 
ATOM   70  C "C3'" . DG  A 1 4 ? -2.519  -7.166  0.572  1.00 10.00 ? 4  DG  A "C3'" 1 
ATOM   71  O "O3'" . DG  A 1 4 ? -2.628  -8.011  1.675  1.00 10.00 ? 4  DG  A "O3'" 1 
ATOM   72  C "C2'" . DG  A 1 4 ? -2.344  -7.796  -0.772 1.00 10.00 ? 4  DG  A "C2'" 1 
ATOM   73  C "C1'" . DG  A 1 4 ? -3.313  -6.995  -1.676 1.00 10.00 ? 4  DG  A "C1'" 1 
ATOM   74  N N9    . DG  A 1 4 ? -2.673  -6.148  -2.611 1.00 10.00 ? 4  DG  A N9    1 
ATOM   75  C C8    . DG  A 1 4 ? -2.866  -6.166  -3.913 1.00 10.00 ? 4  DG  A C8    1 
ATOM   76  N N7    . DG  A 1 4 ? -2.208  -5.240  -4.599 1.00 10.00 ? 4  DG  A N7    1 
ATOM   77  C C5    . DG  A 1 4 ? -1.514  -4.598  -3.612 1.00 10.00 ? 4  DG  A C5    1 
ATOM   78  C C6    . DG  A 1 4 ? -0.610  -3.496  -3.672 1.00 10.00 ? 4  DG  A C6    1 
ATOM   79  O O6    . DG  A 1 4 ? -0.271  -2.913  -4.717 1.00 10.00 ? 4  DG  A O6    1 
ATOM   80  N N1    . DG  A 1 4 ? -0.095  -3.055  -2.514 1.00 10.00 ? 4  DG  A N1    1 
ATOM   81  C C2    . DG  A 1 4 ? -0.459  -3.626  -1.357 1.00 10.00 ? 4  DG  A C2    1 
ATOM   82  N N2    . DG  A 1 4 ? 0.030   -3.223  -0.280 1.00 10.00 ? 4  DG  A N2    1 
ATOM   83  N N3    . DG  A 1 4 ? -1.288  -4.684  -1.176 1.00 10.00 ? 4  DG  A N3    1 
ATOM   84  C C4    . DG  A 1 4 ? -1.775  -5.109  -2.368 1.00 10.00 ? 4  DG  A C4    1 
HETATM 85  N N1    . 5CM A 1 5 ? 2.368   -6.464  -0.472 1.00 10.00 ? 5  5CM A N1    1 
HETATM 86  C C2    . 5CM A 1 5 ? 2.970   -5.399  -1.103 1.00 10.00 ? 5  5CM A C2    1 
HETATM 87  N N3    . 5CM A 1 5 ? 2.716   -5.238  -2.432 1.00 10.00 ? 5  5CM A N3    1 
HETATM 88  C C4    . 5CM A 1 5 ? 1.924   -6.104  -3.176 1.00 10.00 ? 5  5CM A C4    1 
HETATM 89  C C5    . 5CM A 1 5 ? 1.338   -7.215  -2.501 1.00 10.00 ? 5  5CM A C5    1 
HETATM 90  C C5A   . 5CM A 1 5 ? 0.472   -8.189  -3.259 1.00 10.00 ? 5  5CM A C5A   1 
HETATM 91  C C6    . 5CM A 1 5 ? 1.569   -7.354  -1.181 1.00 10.00 ? 5  5CM A C6    1 
HETATM 92  O O2    . 5CM A 1 5 ? 3.687   -4.609  -0.508 1.00 10.00 ? 5  5CM A O2    1 
HETATM 93  N N4    . 5CM A 1 5 ? 1.780   -5.853  -4.499 1.00 10.00 ? 5  5CM A N4    1 
HETATM 94  C "C1'" . 5CM A 1 5 ? 2.672   -6.545  1.003  1.00 10.00 ? 5  5CM A "C1'" 1 
HETATM 95  C "C2'" . 5CM A 1 5 ? 1.661   -5.666  1.859  1.00 10.00 ? 5  5CM A "C2'" 1 
HETATM 96  C "C3'" . 5CM A 1 5 ? 1.831   -6.368  3.184  1.00 10.00 ? 5  5CM A "C3'" 1 
HETATM 97  C "C4'" . 5CM A 1 5 ? 2.078   -7.868  2.848  1.00 10.00 ? 5  5CM A "C4'" 1 
HETATM 98  O "O4'" . 5CM A 1 5 ? 2.452   -7.835  1.500  1.00 10.00 ? 5  5CM A "O4'" 1 
HETATM 99  O "O3'" . 5CM A 1 5 ? 3.008   -5.941  3.808  1.00 10.00 ? 5  5CM A "O3'" 1 
HETATM 100 C "C5'" . 5CM A 1 5 ? 0.856   -8.783  2.994  1.00 10.00 ? 5  5CM A "C5'" 1 
HETATM 101 O "O5'" . 5CM A 1 5 ? -0.204  -8.178  2.312  1.00 10.00 ? 5  5CM A "O5'" 1 
HETATM 102 P P     A 5CM A 1 5 ? -1.526  -9.088  1.999  0.50 10.00 ? 5  5CM A P     1 
HETATM 103 P P     B 5CM A 1 5 ? -1.676  -7.860  2.933  0.50 10.00 ? 5  5CM A P     1 
HETATM 104 O OP1   A 5CM A 1 5 ? -1.286  -9.916  0.802  0.50 10.00 ? 5  5CM A OP1   1 
HETATM 105 O OP1   B 5CM A 1 5 ? -1.815  -6.538  3.541  0.50 10.00 ? 5  5CM A OP1   1 
HETATM 106 O OP2   A 5CM A 1 5 ? -1.886  -9.622  3.236  0.50 10.00 ? 5  5CM A OP2   1 
HETATM 107 O OP2   B 5CM A 1 5 ? -1.945  -9.034  3.733  0.50 10.00 ? 5  5CM A OP2   1 
ATOM   108 P P     . DG  A 1 6 ? 3.145   -5.755  5.370  1.00 10.00 ? 6  DG  A P     1 
ATOM   109 O OP1   . DG  A 1 6 ? 1.890   -5.198  5.820  1.00 10.00 ? 6  DG  A OP1   1 
ATOM   110 O OP2   . DG  A 1 6 ? 4.414   -5.119  5.474  1.00 10.00 ? 6  DG  A OP2   1 
ATOM   111 O "O5'" . DG  A 1 6 ? 3.348   -7.231  6.082  1.00 10.00 ? 6  DG  A "O5'" 1 
ATOM   112 C "C5'" . DG  A 1 6 ? 4.562   -7.873  6.010  1.00 10.00 ? 6  DG  A "C5'" 1 
ATOM   113 C "C4'" . DG  A 1 6 ? 4.305   -9.252  6.561  1.00 10.00 ? 6  DG  A "C4'" 1 
ATOM   114 O "O4'" . DG  A 1 6 ? 3.428   -9.959  5.653  1.00 10.00 ? 6  DG  A "O4'" 1 
ATOM   115 C "C3'" . DG  A 1 6 ? 5.617   -10.127 6.676  1.00 10.00 ? 6  DG  A "C3'" 1 
ATOM   116 O "O3'" . DG  A 1 6 ? 5.507   -10.922 7.858  1.00 10.00 ? 6  DG  A "O3'" 1 
ATOM   117 C "C2'" . DG  A 1 6 ? 5.601   -10.908 5.434  1.00 10.00 ? 6  DG  A "C2'" 1 
ATOM   118 C "C1'" . DG  A 1 6 ? 4.103   -11.133 5.123  1.00 10.00 ? 6  DG  A "C1'" 1 
ATOM   119 N N9    . DG  A 1 6 ? 3.815   -11.277 3.746  1.00 10.00 ? 6  DG  A N9    1 
ATOM   120 C C8    . DG  A 1 6 ? 2.964   -12.173 3.214  1.00 10.00 ? 6  DG  A C8    1 
ATOM   121 N N7    . DG  A 1 6 ? 2.836   -12.076 1.907  1.00 10.00 ? 6  DG  A N7    1 
ATOM   122 C C5    . DG  A 1 6 ? 3.648   -11.035 1.589  1.00 10.00 ? 6  DG  A C5    1 
ATOM   123 C C6    . DG  A 1 6 ? 3.944   -10.438 0.320  1.00 10.00 ? 6  DG  A C6    1 
ATOM   124 O O6    . DG  A 1 6 ? 3.467   -10.809 -0.789 1.00 10.00 ? 6  DG  A O6    1 
ATOM   125 N N1    . DG  A 1 6 ? 4.827   -9.416  0.320  1.00 10.00 ? 6  DG  A N1    1 
ATOM   126 C C2    . DG  A 1 6 ? 5.345   -8.999  1.481  1.00 10.00 ? 6  DG  A C2    1 
ATOM   127 N N2    . DG  A 1 6 ? 6.140   -8.028  1.478  1.00 10.00 ? 6  DG  A N2    1 
ATOM   128 N N3    . DG  A 1 6 ? 5.142   -9.466  2.717  1.00 10.00 ? 6  DG  A N3    1 
ATOM   129 C C4    . DG  A 1 6 ? 4.268   -10.507 2.678  1.00 10.00 ? 6  DG  A C4    1 
HETATM 130 N N1    . 5CM B 1 1 ? 6.243   -6.250  -3.259 1.00 10.00 ? 7  5CM B N1    1 
HETATM 131 C C2    . 5CM B 1 1 ? 6.021   -6.907  -2.101 1.00 10.00 ? 7  5CM B C2    1 
HETATM 132 N N3    . 5CM B 1 1 ? 5.179   -8.003  -2.200 1.00 10.00 ? 7  5CM B N3    1 
HETATM 133 C C4    . 5CM B 1 1 ? 4.583   -8.448  -3.345 1.00 10.00 ? 7  5CM B C4    1 
HETATM 134 C C5    . 5CM B 1 1 ? 4.823   -7.700  -4.521 1.00 10.00 ? 7  5CM B C5    1 
HETATM 135 C C5A   . 5CM B 1 1 ? 4.205   -8.108  -5.832 1.00 10.00 ? 7  5CM B C5A   1 
HETATM 136 C C6    . 5CM B 1 1 ? 5.640   -6.632  -4.430 1.00 10.00 ? 7  5CM B C6    1 
HETATM 137 O O2    . 5CM B 1 1 ? 6.518   -6.615  -1.017 1.00 10.00 ? 7  5CM B O2    1 
HETATM 138 N N4    . 5CM B 1 1 ? 3.794   -9.547  -3.254 1.00 10.00 ? 7  5CM B N4    1 
HETATM 139 C "C1'" . 5CM B 1 1 ? 7.159   -5.068  -3.139 1.00 10.00 ? 7  5CM B "C1'" 1 
HETATM 140 C "C2'" . 5CM B 1 1 ? 8.631   -5.509  -3.488 1.00 10.00 ? 7  5CM B "C2'" 1 
HETATM 141 C "C3'" . 5CM B 1 1 ? 9.204   -4.107  -3.856 1.00 10.00 ? 7  5CM B "C3'" 1 
HETATM 142 C "C4'" . 5CM B 1 1 ? 8.051   -3.416  -4.594 1.00 10.00 ? 7  5CM B "C4'" 1 
HETATM 143 O "O4'" . 5CM B 1 1 ? 6.839   -4.153  -4.163 1.00 10.00 ? 7  5CM B "O4'" 1 
HETATM 144 O "O3'" . 5CM B 1 1 ? 9.576   -3.464  -2.687 1.00 10.00 ? 7  5CM B "O3'" 1 
HETATM 145 C "C5'" . 5CM B 1 1 ? 8.107   -3.425  -6.101 1.00 10.00 ? 7  5CM B "C5'" 1 
HETATM 146 O "O5'" . 5CM B 1 1 ? 8.154   -4.771  -6.578 1.00 10.00 ? 7  5CM B "O5'" 1 
ATOM   147 P P     . DG  B 1 2 ? 10.716  -2.348  -2.653 1.00 10.00 ? 8  DG  B P     1 
ATOM   148 O OP1   . DG  B 1 2 ? 11.709  -2.792  -3.540 1.00 10.00 ? 8  DG  B OP1   1 
ATOM   149 O OP2   . DG  B 1 2 ? 10.952  -2.123  -1.233 1.00 10.00 ? 8  DG  B OP2   1 
ATOM   150 O "O5'" . DG  B 1 2 ? 10.132  -1.056  -3.461 1.00 10.00 ? 8  DG  B "O5'" 1 
ATOM   151 C "C5'" . DG  B 1 2 ? 9.080   -0.437  -2.701 1.00 10.00 ? 8  DG  B "C5'" 1 
ATOM   152 C "C4'" . DG  B 1 2 ? 8.643   0.673   -3.651 1.00 10.00 ? 8  DG  B "C4'" 1 
ATOM   153 O "O4'" . DG  B 1 2 ? 8.226   0.196   -4.910 1.00 10.00 ? 8  DG  B "O4'" 1 
ATOM   154 C "C3'" . DG  B 1 2 ? 7.453   1.498   -3.054 1.00 10.00 ? 8  DG  B "C3'" 1 
ATOM   155 O "O3'" . DG  B 1 2 ? 7.993   2.674   -2.465 1.00 10.00 ? 8  DG  B "O3'" 1 
ATOM   156 C "C2'" . DG  B 1 2 ? 6.536   1.753   -4.176 1.00 10.00 ? 8  DG  B "C2'" 1 
ATOM   157 C "C1'" . DG  B 1 2 ? 7.011   0.849   -5.339 1.00 10.00 ? 8  DG  B "C1'" 1 
ATOM   158 N N9    . DG  B 1 2 ? 6.086   -0.172  -5.681 1.00 10.00 ? 8  DG  B N9    1 
ATOM   159 C C8    . DG  B 1 2 ? 5.697   -0.483  -6.919 1.00 10.00 ? 8  DG  B C8    1 
ATOM   160 N N7    . DG  B 1 2 ? 4.837   -1.499  -6.977 1.00 10.00 ? 8  DG  B N7    1 
ATOM   161 C C5    . DG  B 1 2 ? 4.698   -1.848  -5.660 1.00 10.00 ? 8  DG  B C5    1 
ATOM   162 C C6    . DG  B 1 2 ? 3.952   -2.895  -5.030 1.00 10.00 ? 8  DG  B C6    1 
ATOM   163 O O6    . DG  B 1 2 ? 3.224   -3.722  -5.663 1.00 10.00 ? 8  DG  B O6    1 
ATOM   164 N N1    . DG  B 1 2 ? 4.035   -2.968  -3.703 1.00 10.00 ? 8  DG  B N1    1 
ATOM   165 C C2    . DG  B 1 2 ? 4.807   -2.134  -2.999 1.00 10.00 ? 8  DG  B C2    1 
ATOM   166 N N2    . DG  B 1 2 ? 4.899   -2.277  -1.762 1.00 10.00 ? 8  DG  B N2    1 
ATOM   167 N N3    . DG  B 1 2 ? 5.564   -1.142  -3.484 1.00 10.00 ? 8  DG  B N3    1 
ATOM   168 C C4    . DG  B 1 2 ? 5.457   -1.081  -4.824 1.00 10.00 ? 8  DG  B C4    1 
HETATM 169 N N1    . 5CM B 1 3 ? 2.748   0.963   -1.306 1.00 10.00 ? 9  5CM B N1    1 
HETATM 170 C C2    . 5CM B 1 3 ? 2.008   -0.201  -1.295 1.00 10.00 ? 9  5CM B C2    1 
HETATM 171 N N3    . 5CM B 1 3 ? 1.586   -0.667  -2.509 1.00 10.00 ? 9  5CM B N3    1 
HETATM 172 C C4    . 5CM B 1 3 ? 1.872   -0.076  -3.726 1.00 10.00 ? 9  5CM B C4    1 
HETATM 173 C C5    . 5CM B 1 3 ? 2.645   1.126   -3.682 1.00 10.00 ? 9  5CM B C5    1 
HETATM 174 C C5A   . 5CM B 1 3 ? 3.008   1.879   -4.945 1.00 10.00 ? 9  5CM B C5A   1 
HETATM 175 C C6    . 5CM B 1 3 ? 3.034   1.594   -2.496 1.00 10.00 ? 9  5CM B C6    1 
HETATM 176 O O2    . 5CM B 1 3 ? 1.727   -0.779  -0.259 1.00 10.00 ? 9  5CM B O2    1 
HETATM 177 N N4    . 5CM B 1 3 ? 1.413   -0.655  -4.861 1.00 10.00 ? 9  5CM B N4    1 
HETATM 178 C "C1'" . 5CM B 1 3 ? 3.172   1.445   0.036  1.00 10.00 ? 9  5CM B "C1'" 1 
HETATM 179 C "C2'" . 5CM B 1 3 ? 4.512   0.724   0.439  1.00 10.00 ? 9  5CM B "C2'" 1 
HETATM 180 C "C3'" . 5CM B 1 3 ? 4.986   1.717   1.523  1.00 10.00 ? 9  5CM B "C3'" 1 
HETATM 181 C "C4'" . 5CM B 1 3 ? 4.547   3.086   0.984  1.00 10.00 ? 9  5CM B "C4'" 1 
HETATM 182 O "O4'" . 5CM B 1 3 ? 3.514   2.822   0.009  1.00 10.00 ? 9  5CM B "O4'" 1 
HETATM 183 O "O3'" . 5CM B 1 3 ? 4.302   1.516   2.731  1.00 10.00 ? 9  5CM B "O3'" 1 
HETATM 184 C "C5'" . 5CM B 1 3 ? 5.653   3.905   0.304  1.00 10.00 ? 9  5CM B "C5'" 1 
HETATM 185 O "O5'" . 5CM B 1 3 ? 6.187   3.235   -0.763 1.00 10.00 ? 9  5CM B "O5'" 1 
HETATM 186 P P     . 5CM B 1 3 ? 7.811   2.936   -0.920 1.00 10.00 ? 9  5CM B P     1 
HETATM 187 O OP1   . 5CM B 1 3 ? 8.360   4.225   -0.731 1.00 10.00 ? 9  5CM B OP1   1 
HETATM 188 O OP2   . 5CM B 1 3 ? 8.171   1.778   -0.131 1.00 10.00 ? 9  5CM B OP2   1 
ATOM   189 P P     . DG  B 1 4 ? 4.891   1.892   4.142  1.00 10.00 ? 10 DG  B P     1 
ATOM   190 O OP1   . DG  B 1 4 ? 6.270   1.678   4.172  1.00 10.00 ? 10 DG  B OP1   1 
ATOM   191 O OP2   . DG  B 1 4 ? 4.013   1.164   5.116  1.00 10.00 ? 10 DG  B OP2   1 
ATOM   192 O "O5'" . DG  B 1 4 ? 4.707   3.497   4.255  1.00 10.00 ? 10 DG  B "O5'" 1 
ATOM   193 C "C5'" . DG  B 1 4 ? 3.348   3.891   4.520  1.00 10.00 ? 10 DG  B "C5'" 1 
ATOM   194 C "C4'" . DG  B 1 4 ? 3.382   5.399   4.559  1.00 10.00 ? 10 DG  B "C4'" 1 
ATOM   195 O "O4'" . DG  B 1 4 ? 3.926   5.984   3.375  1.00 10.00 ? 10 DG  B "O4'" 1 
ATOM   196 C "C3'" . DG  B 1 4 ? 1.929   6.028   4.673  1.00 10.00 ? 10 DG  B "C3'" 1 
ATOM   197 O "O3'" . DG  B 1 4 ? 1.771   6.359   6.039  1.00 10.00 ? 10 DG  B "O3'" 1 
ATOM   198 C "C2'" . DG  B 1 4 ? 1.869   7.182   3.757  1.00 10.00 ? 10 DG  B "C2'" 1 
ATOM   199 C "C1'" . DG  B 1 4 ? 3.086   7.072   2.835  1.00 10.00 ? 10 DG  B "C1'" 1 
ATOM   200 N N9    . DG  B 1 4 ? 2.854   6.753   1.486  1.00 10.00 ? 10 DG  B N9    1 
ATOM   201 C C8    . DG  B 1 4 ? 3.418   7.336   0.434  1.00 10.00 ? 10 DG  B C8    1 
ATOM   202 N N7    . DG  B 1 4 ? 3.062   6.809   -0.733 1.00 10.00 ? 10 DG  B N7    1 
ATOM   203 C C5    . DG  B 1 4 ? 2.208   5.853   -0.383 1.00 10.00 ? 10 DG  B C5    1 
ATOM   204 C C6    . DG  B 1 4 ? 1.469   4.918   -1.191 1.00 10.00 ? 10 DG  B C6    1 
ATOM   205 O O6    . DG  B 1 4 ? 1.502   4.851   -2.445 1.00 10.00 ? 10 DG  B O6    1 
ATOM   206 N N1    . DG  B 1 4 ? 0.690   4.038   -0.544 1.00 10.00 ? 10 DG  B N1    1 
ATOM   207 C C2    . DG  B 1 4 ? 0.635   4.035   0.788  1.00 10.00 ? 10 DG  B C2    1 
ATOM   208 N N2    . DG  B 1 4 ? -0.058  3.208   1.392  1.00 10.00 ? 10 DG  B N2    1 
ATOM   209 N N3    . DG  B 1 4 ? 1.276   4.874   1.650  1.00 10.00 ? 10 DG  B N3    1 
ATOM   210 C C4    . DG  B 1 4 ? 2.270   6.027   0.910  1.00 10.00 ? 10 DG  B C4    1 
HETATM 211 N N1    . 5CM B 1 5 ? -2.480  6.233   2.353  1.00 10.00 ? 11 5CM B N1    1 
HETATM 212 C C2    . 5CM B 1 5 ? -2.867  5.621   1.194  1.00 10.00 ? 11 5CM B C2    1 
HETATM 213 N N3    . 5CM B 1 5 ? -2.342  6.117   0.043  1.00 10.00 ? 11 5CM B N3    1 
HETATM 214 C C4    . 5CM B 1 5 ? -1.422  7.163   -0.038 1.00 10.00 ? 11 5CM B C4    1 
HETATM 215 C C5    . 5CM B 1 5 ? -1.033  7.744   1.183  1.00 10.00 ? 11 5CM B C5    1 
HETATM 216 C C5A   . 5CM B 1 5 ? -0.057  8.889   1.201  1.00 10.00 ? 11 5CM B C5A   1 
HETATM 217 C C6    . 5CM B 1 5 ? -1.578  7.282   2.317  1.00 10.00 ? 11 5CM B C6    1 
HETATM 218 O O2    . 5CM B 1 5 ? -3.657  4.701   1.158  1.00 10.00 ? 11 5CM B O2    1 
HETATM 219 N N4    . 5CM B 1 5 ? -0.971  7.505   -1.272 1.00 10.00 ? 11 5CM B N4    1 
HETATM 220 C "C1'" . 5CM B 1 5 ? -3.088  5.641   3.588  1.00 10.00 ? 11 5CM B "C1'" 1 
HETATM 221 C "C2'" . 5CM B 1 5 ? -2.175  4.478   4.160  1.00 10.00 ? 11 5CM B "C2'" 1 
HETATM 222 C "C3'" . 5CM B 1 5 ? -2.662  4.458   5.605  1.00 10.00 ? 11 5CM B "C3'" 1 
HETATM 223 C "C4'" . 5CM B 1 5 ? -2.953  5.968   5.902  1.00 10.00 ? 11 5CM B "C4'" 1 
HETATM 224 O "O4'" . 5CM B 1 5 ? -3.037  6.618   4.609  1.00 10.00 ? 11 5CM B "O4'" 1 
HETATM 225 O "O3'" . 5CM B 1 5 ? -3.937  3.866   5.769  1.00 10.00 ? 11 5CM B "O3'" 1 
HETATM 226 C "C5'" . 5CM B 1 5 ? -1.938  6.680   6.803  1.00 10.00 ? 11 5CM B "C5'" 1 
HETATM 227 O "O5'" . 5CM B 1 5 ? -0.711  6.644   6.160  1.00 10.00 ? 11 5CM B "O5'" 1 
HETATM 228 P P     . 5CM B 1 5 ? 0.527   5.792   6.863  1.00 10.00 ? 11 5CM B P     1 
HETATM 229 O OP1   . 5CM B 1 5 ? 0.597   6.592   8.060  1.00 10.00 ? 11 5CM B OP1   1 
HETATM 230 O OP2   . 5CM B 1 5 ? 0.499   4.345   6.771  1.00 10.00 ? 11 5CM B OP2   1 
ATOM   231 P P     . DG  B 1 6 ? -4.449  3.048   7.034  1.00 10.00 ? 12 DG  B P     1 
ATOM   232 O OP1   . DG  B 1 6 ? -3.281  2.345   7.389  1.00 10.00 ? 12 DG  B OP1   1 
ATOM   233 O OP2   . DG  B 1 6 ? -5.714  2.414   6.615  1.00 10.00 ? 12 DG  B OP2   1 
ATOM   234 O "O5'" . DG  B 1 6 ? -4.616  4.043   8.328  1.00 10.00 ? 12 DG  B "O5'" 1 
ATOM   235 C "C5'" . DG  B 1 6 ? -5.858  4.801   8.245  1.00 10.00 ? 12 DG  B "C5'" 1 
ATOM   236 C "C4'" . DG  B 1 6 ? -5.778  5.848   9.359  1.00 10.00 ? 12 DG  B "C4'" 1 
ATOM   237 O "O4'" . DG  B 1 6 ? -4.763  6.818   9.047  1.00 10.00 ? 12 DG  B "O4'" 1 
ATOM   238 C "C3'" . DG  B 1 6 ? -7.099  6.650   9.623  1.00 10.00 ? 12 DG  B "C3'" 1 
ATOM   239 O "O3'" . DG  B 1 6 ? -7.240  6.909   11.042 1.00 10.00 ? 12 DG  B "O3'" 1 
ATOM   240 C "C2'" . DG  B 1 6 ? -6.894  7.879   8.804  1.00 10.00 ? 12 DG  B "C2'" 1 
ATOM   241 C "C1'" . DG  B 1 6 ? -5.368  8.133   8.995  1.00 10.00 ? 12 DG  B "C1'" 1 
ATOM   242 N N9    . DG  B 1 6 ? -4.785  8.847   7.939  1.00 10.00 ? 12 DG  B N9    1 
ATOM   243 C C8    . DG  B 1 6 ? -3.867  9.799   8.056  1.00 10.00 ? 12 DG  B C8    1 
ATOM   244 N N7    . DG  B 1 6 ? -3.451  10.293  6.885  1.00 10.00 ? 12 DG  B N7    1 
ATOM   245 C C5    . DG  B 1 6 ? -4.196  9.588   5.987  1.00 10.00 ? 12 DG  B C5    1 
ATOM   246 C C6    . DG  B 1 6 ? -4.244  9.666   4.554  1.00 10.00 ? 12 DG  B C6    1 
ATOM   247 O O6    . DG  B 1 6 ? -3.528  10.465  3.876  1.00 10.00 ? 12 DG  B O6    1 
ATOM   248 N N1    . DG  B 1 6 ? -5.163  8.718   3.934  1.00 10.00 ? 12 DG  B N1    1 
ATOM   249 C C2    . DG  B 1 6 ? -5.816  7.951   4.644  1.00 10.00 ? 12 DG  B C2    1 
ATOM   250 N N2    . DG  B 1 6 ? -6.574  7.169   4.049  1.00 10.00 ? 12 DG  B N2    1 
ATOM   251 N N3    . DG  B 1 6 ? -5.881  7.815   5.979  1.00 10.00 ? 12 DG  B N3    1 
ATOM   252 C C4    . DG  B 1 6 ? -5.022  8.677   6.574  1.00 10.00 ? 12 DG  B C4    1 
# 
